data_5JEL
#
_entry.id   5JEL
#
_cell.length_a   72.811
_cell.length_b   72.811
_cell.length_c   127.602
_cell.angle_alpha   90.00
_cell.angle_beta   90.00
_cell.angle_gamma   120.00
#
_symmetry.space_group_name_H-M   'P 32 2 1'
#
loop_
_entity.id
_entity.type
_entity.pdbx_description
1 polymer 'Interferon regulatory factor 3'
2 polymer 'Phosphorylated TRIF peptide'
3 water water
#
loop_
_entity_poly.entity_id
_entity_poly.type
_entity_poly.pdbx_seq_one_letter_code
_entity_poly.pdbx_strand_id
1 'polypeptide(L)'
;SEFENPLKRLLVPGEEWEFEVTAFYRGRQVFQQTISCPEGLRLVGSEVGDRTLPGWPVTLPDPGMSLTDRGVMSYVRHVL
SCLGGGLALWRAGQWLWAQRLGHCHTYWAVSEELLPNSGHGPDGEVPKDKEGGVFDLGPFIVDLITFTEGSGRSPRYALW
FCVGESWPQDQPWTKRLVMVKVVPTCLRALVEMARVGGASSLENTVDLHISNSHPLSLTSDQYKAYLQDLVEGMDFQGPG
ES
;
A
2 'polypeptide(L)' SPA(SEP)LA(SEP)NLEI(SEP)QSPTMPFWS B
#
# COMPACT_ATOMS: atom_id res chain seq x y z
N GLU A 4 -20.19 -22.38 -1.32
CA GLU A 4 -19.82 -20.97 -1.37
C GLU A 4 -18.30 -20.81 -1.38
N ASN A 5 -17.83 -19.73 -1.99
CA ASN A 5 -16.42 -19.42 -2.03
C ASN A 5 -16.11 -18.32 -1.03
N PRO A 6 -15.43 -18.65 0.07
CA PRO A 6 -15.16 -17.68 1.14
C PRO A 6 -14.27 -16.53 0.68
N LEU A 7 -13.48 -16.75 -0.37
CA LEU A 7 -12.59 -15.71 -0.86
C LEU A 7 -13.36 -14.61 -1.59
N LYS A 8 -14.58 -14.91 -2.04
CA LYS A 8 -15.37 -13.92 -2.75
C LYS A 8 -15.75 -12.74 -1.84
N ARG A 9 -15.65 -12.96 -0.53
CA ARG A 9 -15.91 -11.89 0.43
C ARG A 9 -14.99 -10.69 0.18
N LEU A 10 -13.84 -10.95 -0.44
CA LEU A 10 -12.89 -9.89 -0.74
C LEU A 10 -13.50 -8.81 -1.65
N LEU A 11 -14.45 -9.20 -2.48
CA LEU A 11 -14.97 -8.32 -3.51
C LEU A 11 -16.44 -7.97 -3.36
N VAL A 12 -17.06 -8.45 -2.30
CA VAL A 12 -18.48 -8.14 -2.09
C VAL A 12 -18.63 -6.63 -1.86
N PRO A 13 -19.62 -6.00 -2.52
CA PRO A 13 -19.82 -4.55 -2.40
C PRO A 13 -19.87 -4.10 -0.95
N GLY A 14 -19.15 -3.03 -0.59
CA GLY A 14 -19.17 -2.50 0.75
C GLY A 14 -18.25 -3.17 1.76
N GLU A 15 -17.59 -4.25 1.35
CA GLU A 15 -16.58 -4.87 2.19
C GLU A 15 -15.43 -3.91 2.51
N GLU A 16 -14.90 -3.97 3.73
CA GLU A 16 -13.74 -3.15 4.12
C GLU A 16 -12.45 -3.96 4.29
N TRP A 17 -11.43 -3.62 3.53
CA TRP A 17 -10.12 -4.21 3.72
C TRP A 17 -9.36 -3.51 4.83
N GLU A 18 -8.47 -4.23 5.50
CA GLU A 18 -7.55 -3.59 6.44
C GLU A 18 -6.27 -3.21 5.72
N PHE A 19 -5.84 -1.97 5.90
CA PHE A 19 -4.61 -1.48 5.29
C PHE A 19 -3.59 -1.15 6.36
N GLU A 20 -2.41 -1.76 6.30
CA GLU A 20 -1.33 -1.44 7.22
C GLU A 20 -0.48 -0.34 6.61
N VAL A 21 -0.44 0.81 7.28
CA VAL A 21 0.34 1.95 6.80
C VAL A 21 1.61 2.06 7.64
N THR A 22 2.77 2.06 6.97
CA THR A 22 4.04 2.21 7.69
C THR A 22 4.81 3.36 7.07
N ALA A 23 5.20 4.33 7.89
CA ALA A 23 5.94 5.48 7.36
C ALA A 23 7.39 5.47 7.79
N PHE A 24 8.25 5.90 6.88
CA PHE A 24 9.70 5.96 7.09
C PHE A 24 10.21 7.36 6.79
N TYR A 25 10.94 7.95 7.74
CA TYR A 25 11.61 9.22 7.50
C TYR A 25 13.09 8.92 7.37
N ARG A 26 13.65 9.20 6.20
CA ARG A 26 15.06 8.93 5.91
C ARG A 26 15.46 7.52 6.30
N GLY A 27 14.61 6.55 5.94
CA GLY A 27 14.95 5.14 6.12
C GLY A 27 14.65 4.56 7.49
N ARG A 28 14.05 5.35 8.37
CA ARG A 28 13.76 4.93 9.74
C ARG A 28 12.26 4.84 9.96
N GLN A 29 11.78 3.70 10.44
CA GLN A 29 10.34 3.57 10.70
C GLN A 29 9.91 4.47 11.83
N VAL A 30 8.91 5.32 11.57
CA VAL A 30 8.45 6.29 12.56
C VAL A 30 6.97 6.16 12.90
N PHE A 31 6.25 5.31 12.19
CA PHE A 31 4.81 5.25 12.35
C PHE A 31 4.28 3.95 11.74
N GLN A 32 3.31 3.33 12.41
CA GLN A 32 2.58 2.23 11.80
C GLN A 32 1.17 2.18 12.38
N GLN A 33 0.19 2.05 11.50
CA GLN A 33 -1.20 1.99 11.94
C GLN A 33 -1.98 1.16 10.92
N THR A 34 -2.92 0.34 11.39
CA THR A 34 -3.78 -0.40 10.49
C THR A 34 -5.16 0.26 10.48
N ILE A 35 -5.68 0.47 9.27
CA ILE A 35 -6.90 1.25 9.06
C ILE A 35 -7.90 0.46 8.24
N SER A 36 -9.15 0.45 8.67
N SER A 36 -9.16 0.50 8.64
CA SER A 36 -10.25 0.01 7.83
CA SER A 36 -10.26 -0.02 7.81
C SER A 36 -11.24 1.16 7.80
C SER A 36 -11.42 0.98 7.81
N CYS A 37 -11.78 1.45 6.62
CA CYS A 37 -12.76 2.52 6.48
C CYS A 37 -13.38 2.42 5.09
N PRO A 38 -14.71 2.53 4.99
CA PRO A 38 -15.32 2.50 3.66
C PRO A 38 -14.70 3.51 2.70
N GLU A 39 -14.22 4.64 3.24
CA GLU A 39 -13.67 5.71 2.40
C GLU A 39 -12.20 5.52 2.09
N GLY A 40 -11.60 4.43 2.54
CA GLY A 40 -10.15 4.31 2.42
C GLY A 40 -9.45 5.22 3.41
N LEU A 41 -8.21 5.58 3.11
CA LEU A 41 -7.39 6.33 4.04
C LEU A 41 -6.83 7.58 3.35
N ARG A 42 -6.38 8.55 4.15
CA ARG A 42 -5.81 9.77 3.60
C ARG A 42 -4.64 10.18 4.48
N LEU A 43 -3.44 10.15 3.92
CA LEU A 43 -2.23 10.52 4.65
C LEU A 43 -2.15 12.02 4.76
N VAL A 44 -2.03 12.53 5.99
CA VAL A 44 -1.96 13.96 6.23
C VAL A 44 -0.82 14.32 7.17
N GLY A 45 -0.49 15.60 7.20
CA GLY A 45 0.51 16.11 8.14
C GLY A 45 -0.17 16.80 9.31
N SER A 46 -1.48 16.61 9.40
CA SER A 46 -2.36 17.33 10.33
C SER A 46 -1.93 18.77 10.59
N GLU A 47 -1.62 19.48 9.51
CA GLU A 47 -1.71 20.93 9.51
C GLU A 47 -3.17 21.19 9.15
N VAL A 48 -4.06 20.58 9.92
CA VAL A 48 -5.49 20.48 9.64
C VAL A 48 -6.14 21.84 9.48
N GLY A 49 -7.04 21.94 8.50
CA GLY A 49 -7.37 20.82 7.64
C GLY A 49 -8.85 20.78 7.33
N ASP A 50 -9.23 19.97 6.36
CA ASP A 50 -10.60 19.94 5.88
C ASP A 50 -11.28 18.62 6.23
N ARG A 51 -12.34 18.71 7.04
CA ARG A 51 -13.06 17.52 7.49
C ARG A 51 -14.07 17.02 6.46
N THR A 52 -14.31 17.81 5.42
CA THR A 52 -15.17 17.34 4.33
C THR A 52 -14.39 16.58 3.27
N LEU A 53 -13.06 16.52 3.41
CA LEU A 53 -12.27 15.69 2.51
C LEU A 53 -12.58 14.24 2.81
N PRO A 54 -12.54 13.38 1.79
CA PRO A 54 -12.79 11.95 1.98
C PRO A 54 -11.59 11.21 2.57
N GLY A 55 -11.87 10.04 3.15
CA GLY A 55 -10.80 9.16 3.62
C GLY A 55 -10.51 9.30 5.10
N TRP A 56 -10.22 8.18 5.75
CA TRP A 56 -9.87 8.22 7.16
C TRP A 56 -8.51 8.90 7.31
N PRO A 57 -8.45 10.01 8.07
CA PRO A 57 -7.17 10.73 8.14
C PRO A 57 -6.13 9.96 8.95
N VAL A 58 -4.96 9.74 8.33
CA VAL A 58 -3.85 9.06 8.96
C VAL A 58 -2.75 10.10 9.11
N THR A 59 -2.51 10.54 10.34
CA THR A 59 -1.60 11.64 10.60
C THR A 59 -0.16 11.16 10.72
N LEU A 60 0.69 11.58 9.79
CA LEU A 60 2.11 11.28 9.86
C LEU A 60 2.73 12.15 10.95
N PRO A 61 3.55 11.54 11.81
CA PRO A 61 4.03 12.24 13.01
C PRO A 61 5.01 13.37 12.71
N ASP A 62 4.91 14.45 13.48
CA ASP A 62 5.88 15.52 13.37
C ASP A 62 7.17 15.04 14.03
N PRO A 63 8.31 15.11 13.31
CA PRO A 63 9.58 14.79 13.95
C PRO A 63 9.88 15.74 15.11
N GLY A 64 10.67 15.28 16.08
CA GLY A 64 11.05 16.13 17.20
C GLY A 64 11.81 17.37 16.76
N MET A 65 11.92 18.33 17.67
CA MET A 65 12.63 19.58 17.38
C MET A 65 14.11 19.47 17.73
N SER A 66 14.52 18.24 18.04
CA SER A 66 15.88 17.90 18.45
C SER A 66 17.00 18.53 17.62
N LEU A 67 18.16 18.69 18.25
CA LEU A 67 19.36 19.12 17.55
C LEU A 67 19.88 17.98 16.68
N THR A 68 19.76 16.75 17.20
CA THR A 68 20.16 15.59 16.41
C THR A 68 19.32 15.49 15.15
N ASP A 69 20.01 15.35 14.03
CA ASP A 69 19.36 15.17 12.73
C ASP A 69 18.54 16.40 12.34
N ARG A 70 18.87 17.58 12.86
CA ARG A 70 17.97 18.71 12.67
C ARG A 70 17.85 19.11 11.20
N GLY A 71 18.92 18.90 10.43
CA GLY A 71 18.90 19.24 9.02
C GLY A 71 17.87 18.47 8.22
N VAL A 72 18.08 17.16 8.11
CA VAL A 72 17.15 16.37 7.31
C VAL A 72 15.76 16.34 7.94
N MET A 73 15.65 16.43 9.26
CA MET A 73 14.31 16.40 9.85
C MET A 73 13.57 17.71 9.59
N SER A 74 14.27 18.83 9.44
CA SER A 74 13.59 20.06 9.06
C SER A 74 13.05 19.93 7.62
N TYR A 75 13.76 19.21 6.76
CA TYR A 75 13.23 18.95 5.42
C TYR A 75 12.01 18.04 5.47
N VAL A 76 12.04 17.03 6.34
CA VAL A 76 10.87 16.16 6.51
C VAL A 76 9.67 17.01 6.95
N ARG A 77 9.90 17.86 7.95
CA ARG A 77 8.84 18.72 8.47
C ARG A 77 8.30 19.62 7.35
N HIS A 78 9.18 20.10 6.48
CA HIS A 78 8.72 20.94 5.38
C HIS A 78 7.80 20.14 4.44
N VAL A 79 8.22 18.94 4.07
CA VAL A 79 7.38 18.09 3.23
C VAL A 79 6.03 17.86 3.88
N LEU A 80 6.02 17.49 5.15
CA LEU A 80 4.77 17.23 5.85
C LEU A 80 3.87 18.47 5.89
N SER A 81 4.48 19.64 6.02
CA SER A 81 3.72 20.89 6.09
C SER A 81 3.08 21.26 4.74
N CYS A 82 3.56 20.64 3.68
CA CYS A 82 3.08 20.94 2.33
C CYS A 82 2.13 19.86 1.82
N LEU A 83 1.80 18.89 2.67
CA LEU A 83 0.97 17.76 2.27
C LEU A 83 -0.44 18.23 1.93
N GLY A 84 -0.89 19.27 2.63
CA GLY A 84 -2.22 19.82 2.41
C GLY A 84 -3.29 18.75 2.59
N GLY A 85 -4.20 18.66 1.63
CA GLY A 85 -5.22 17.62 1.64
C GLY A 85 -4.66 16.20 1.72
N GLY A 86 -3.43 16.01 1.28
CA GLY A 86 -2.72 14.77 1.52
C GLY A 86 -2.80 13.74 0.41
N LEU A 87 -2.53 12.49 0.76
CA LEU A 87 -2.49 11.40 -0.17
C LEU A 87 -3.60 10.40 0.13
N ALA A 88 -4.61 10.34 -0.74
CA ALA A 88 -5.73 9.43 -0.57
C ALA A 88 -5.51 8.09 -1.26
N LEU A 89 -5.90 7.00 -0.59
CA LEU A 89 -5.84 5.66 -1.14
C LEU A 89 -7.12 4.94 -0.75
N TRP A 90 -7.82 4.37 -1.73
CA TRP A 90 -9.08 3.71 -1.43
C TRP A 90 -9.35 2.59 -2.39
N ARG A 91 -10.29 1.73 -2.04
CA ARG A 91 -10.68 0.63 -2.90
C ARG A 91 -12.04 0.87 -3.55
N ALA A 92 -12.15 0.48 -4.82
CA ALA A 92 -13.43 0.41 -5.50
C ALA A 92 -13.40 -0.83 -6.36
N GLY A 93 -14.17 -1.83 -5.97
CA GLY A 93 -14.19 -3.10 -6.68
C GLY A 93 -12.85 -3.80 -6.54
N GLN A 94 -12.31 -4.26 -7.66
CA GLN A 94 -11.07 -5.01 -7.61
C GLN A 94 -9.85 -4.10 -7.75
N TRP A 95 -10.06 -2.79 -7.75
CA TRP A 95 -8.97 -1.82 -7.91
C TRP A 95 -8.72 -0.99 -6.66
N LEU A 96 -7.45 -0.68 -6.42
CA LEU A 96 -7.08 0.37 -5.48
C LEU A 96 -6.75 1.63 -6.28
N TRP A 97 -7.16 2.77 -5.75
CA TRP A 97 -7.07 4.07 -6.41
C TRP A 97 -6.32 5.04 -5.51
N ALA A 98 -5.56 5.96 -6.09
CA ALA A 98 -4.90 6.98 -5.29
C ALA A 98 -5.10 8.36 -5.92
N GLN A 99 -4.99 9.39 -5.08
CA GLN A 99 -5.16 10.77 -5.55
C GLN A 99 -4.38 11.67 -4.62
N ARG A 100 -3.71 12.69 -5.14
CA ARG A 100 -3.01 13.59 -4.21
C ARG A 100 -3.78 14.89 -4.13
N LEU A 101 -3.97 15.33 -2.89
CA LEU A 101 -4.91 16.40 -2.60
C LEU A 101 -4.18 17.61 -2.04
N GLY A 102 -2.87 17.61 -2.17
CA GLY A 102 -2.05 18.75 -1.77
C GLY A 102 -0.95 18.94 -2.80
N HIS A 103 0.12 19.63 -2.43
CA HIS A 103 1.10 20.06 -3.42
C HIS A 103 2.36 19.20 -3.53
N CYS A 104 2.41 18.11 -2.77
CA CYS A 104 3.56 17.20 -2.82
C CYS A 104 3.41 16.18 -3.96
N HIS A 105 4.23 16.32 -5.00
CA HIS A 105 4.24 15.31 -6.05
C HIS A 105 4.60 13.98 -5.40
N THR A 106 3.86 12.94 -5.74
CA THR A 106 4.03 11.64 -5.11
C THR A 106 4.11 10.56 -6.17
N TYR A 107 5.16 9.73 -6.06
CA TYR A 107 5.37 8.63 -6.99
C TYR A 107 5.13 7.32 -6.27
N TRP A 108 4.65 6.31 -6.99
CA TRP A 108 4.32 5.03 -6.37
C TRP A 108 4.88 3.86 -7.17
N ALA A 109 5.03 2.74 -6.47
CA ALA A 109 5.33 1.46 -7.11
C ALA A 109 4.73 0.34 -6.27
N VAL A 110 4.35 -0.75 -6.93
CA VAL A 110 4.02 -1.97 -6.21
C VAL A 110 5.32 -2.78 -6.13
N SER A 111 5.75 -3.10 -4.92
N SER A 111 5.77 -3.08 -4.92
CA SER A 111 7.07 -3.68 -4.71
CA SER A 111 7.08 -3.71 -4.76
C SER A 111 7.06 -4.81 -3.69
C SER A 111 7.08 -4.66 -3.58
N GLU A 112 8.25 -5.21 -3.26
CA GLU A 112 8.37 -6.15 -2.15
C GLU A 112 8.16 -5.46 -0.81
N GLU A 113 7.83 -6.25 0.21
CA GLU A 113 7.65 -5.73 1.55
C GLU A 113 8.81 -4.91 2.08
N LEU A 114 10.03 -5.34 1.80
CA LEU A 114 11.17 -4.72 2.48
C LEU A 114 12.02 -3.82 1.60
N LEU A 115 11.64 -3.62 0.34
CA LEU A 115 12.42 -2.78 -0.57
C LEU A 115 11.51 -2.05 -1.56
N PRO A 116 11.44 -0.73 -1.45
CA PRO A 116 10.52 -0.03 -2.37
C PRO A 116 11.00 0.04 -3.81
N ASN A 117 12.31 0.11 -4.04
CA ASN A 117 12.83 0.47 -5.36
C ASN A 117 13.77 -0.58 -5.91
N SER A 118 13.21 -1.52 -6.67
CA SER A 118 14.01 -2.67 -7.11
C SER A 118 14.79 -2.40 -8.40
N GLY A 119 14.61 -1.22 -8.98
CA GLY A 119 15.48 -0.78 -10.07
C GLY A 119 14.81 -0.32 -11.35
N HIS A 120 13.51 -0.58 -11.49
CA HIS A 120 12.83 -0.25 -12.73
C HIS A 120 12.05 1.07 -12.66
N GLY A 121 12.26 1.84 -11.60
CA GLY A 121 11.62 3.14 -11.48
C GLY A 121 10.22 3.01 -10.91
N PRO A 122 9.53 4.15 -10.79
CA PRO A 122 8.19 4.12 -10.23
C PRO A 122 7.21 3.54 -11.23
N ASP A 123 6.11 2.98 -10.74
CA ASP A 123 5.06 2.51 -11.63
C ASP A 123 4.26 3.69 -12.17
N GLY A 124 4.25 4.78 -11.42
CA GLY A 124 3.57 5.97 -11.90
C GLY A 124 3.66 7.13 -10.94
N GLU A 125 2.99 8.22 -11.31
CA GLU A 125 2.85 9.39 -10.45
C GLU A 125 1.40 9.51 -10.04
N VAL A 126 1.15 9.72 -8.77
CA VAL A 126 -0.21 9.89 -8.27
C VAL A 126 -0.80 11.19 -8.83
N PRO A 127 -1.96 11.08 -9.50
CA PRO A 127 -2.56 12.28 -10.10
C PRO A 127 -3.25 13.17 -9.07
N LYS A 128 -3.41 14.42 -9.48
CA LYS A 128 -4.12 15.44 -8.75
C LYS A 128 -5.39 15.68 -9.54
N ASP A 129 -6.46 16.03 -8.86
CA ASP A 129 -7.72 16.41 -9.53
C ASP A 129 -8.50 15.25 -10.15
N LYS A 130 -7.87 14.07 -10.24
CA LYS A 130 -8.60 12.86 -10.64
C LYS A 130 -7.97 11.68 -9.97
N GLU A 131 -8.65 10.54 -10.01
CA GLU A 131 -8.12 9.33 -9.39
C GLU A 131 -7.19 8.59 -10.35
N GLY A 132 -6.27 7.83 -9.79
CA GLY A 132 -5.38 7.01 -10.60
C GLY A 132 -5.32 5.60 -10.04
N GLY A 133 -5.47 4.62 -10.92
CA GLY A 133 -5.40 3.24 -10.49
C GLY A 133 -4.00 2.84 -10.10
N VAL A 134 -3.83 2.26 -8.92
CA VAL A 134 -2.50 1.84 -8.49
C VAL A 134 -2.40 0.34 -8.25
N PHE A 135 -3.52 -0.37 -8.23
CA PHE A 135 -3.44 -1.82 -8.01
C PHE A 135 -4.68 -2.52 -8.49
N ASP A 136 -4.48 -3.62 -9.21
CA ASP A 136 -5.56 -4.42 -9.75
C ASP A 136 -5.48 -5.83 -9.15
N LEU A 137 -6.51 -6.25 -8.42
CA LEU A 137 -6.50 -7.56 -7.79
C LEU A 137 -6.51 -8.71 -8.81
N GLY A 138 -7.01 -8.46 -10.02
CA GLY A 138 -7.10 -9.49 -11.04
C GLY A 138 -5.78 -10.17 -11.35
N PRO A 139 -4.80 -9.42 -11.88
CA PRO A 139 -3.48 -9.98 -12.17
C PRO A 139 -2.81 -10.55 -10.92
N PHE A 140 -3.06 -9.94 -9.76
CA PHE A 140 -2.49 -10.45 -8.51
C PHE A 140 -2.92 -11.90 -8.26
N ILE A 141 -4.22 -12.18 -8.37
CA ILE A 141 -4.72 -13.52 -8.11
C ILE A 141 -4.22 -14.51 -9.17
N VAL A 142 -4.19 -14.07 -10.43
CA VAL A 142 -3.62 -14.90 -11.50
C VAL A 142 -2.19 -15.29 -11.17
N ASP A 143 -1.39 -14.31 -10.74
CA ASP A 143 0.01 -14.56 -10.41
C ASP A 143 0.14 -15.38 -9.14
N LEU A 144 -0.79 -15.21 -8.20
CA LEU A 144 -0.80 -16.03 -6.99
C LEU A 144 -1.04 -17.50 -7.34
N ILE A 145 -1.96 -17.75 -8.27
CA ILE A 145 -2.21 -19.11 -8.70
C ILE A 145 -0.95 -19.71 -9.32
N THR A 146 -0.28 -18.94 -10.17
CA THR A 146 0.96 -19.40 -10.80
C THR A 146 2.03 -19.73 -9.75
N PHE A 147 2.09 -18.90 -8.72
CA PHE A 147 2.99 -19.08 -7.58
C PHE A 147 2.74 -20.42 -6.89
N THR A 148 1.47 -20.75 -6.65
CA THR A 148 1.14 -22.02 -5.99
C THR A 148 1.50 -23.22 -6.86
N GLU A 149 1.71 -22.97 -8.14
CA GLU A 149 2.00 -24.05 -9.08
C GLU A 149 3.51 -24.16 -9.34
N GLY A 150 4.29 -23.42 -8.55
CA GLY A 150 5.73 -23.44 -8.67
C GLY A 150 6.24 -22.87 -9.98
N SER A 151 5.54 -21.91 -10.54
CA SER A 151 5.85 -21.42 -11.88
C SER A 151 6.06 -19.92 -11.95
N GLY A 152 6.40 -19.29 -10.83
CA GLY A 152 6.61 -17.87 -10.86
C GLY A 152 6.91 -17.33 -9.47
N ARG A 153 7.28 -16.06 -9.39
CA ARG A 153 7.60 -15.46 -8.11
C ARG A 153 6.32 -15.14 -7.34
N SER A 154 6.43 -14.94 -6.03
CA SER A 154 5.25 -14.51 -5.28
C SER A 154 4.80 -13.13 -5.80
N PRO A 155 3.49 -12.94 -5.97
CA PRO A 155 2.99 -11.68 -6.48
C PRO A 155 3.19 -10.54 -5.48
N ARG A 156 3.50 -9.36 -5.99
CA ARG A 156 3.77 -8.23 -5.11
C ARG A 156 2.50 -7.48 -4.79
N TYR A 157 2.43 -6.95 -3.56
CA TYR A 157 1.23 -6.27 -3.08
C TYR A 157 1.52 -5.05 -2.21
N ALA A 158 2.80 -4.77 -1.94
CA ALA A 158 3.15 -3.64 -1.08
C ALA A 158 3.22 -2.37 -1.92
N LEU A 159 2.34 -1.42 -1.63
CA LEU A 159 2.33 -0.14 -2.31
C LEU A 159 3.27 0.81 -1.61
N TRP A 160 4.25 1.31 -2.34
CA TRP A 160 5.20 2.25 -1.77
C TRP A 160 5.02 3.62 -2.39
N PHE A 161 4.95 4.65 -1.56
CA PHE A 161 4.77 6.02 -2.02
C PHE A 161 5.97 6.86 -1.62
N CYS A 162 6.55 7.54 -2.58
CA CYS A 162 7.60 8.52 -2.33
C CYS A 162 6.98 9.91 -2.37
N VAL A 163 6.95 10.58 -1.22
CA VAL A 163 6.13 11.78 -1.04
C VAL A 163 6.98 13.04 -1.11
N GLY A 164 6.71 13.91 -2.09
CA GLY A 164 7.36 15.21 -2.17
C GLY A 164 8.75 15.22 -2.78
N GLU A 165 9.17 14.08 -3.34
CA GLU A 165 10.43 13.97 -4.06
C GLU A 165 10.29 13.05 -5.26
N SER A 166 11.22 13.19 -6.20
CA SER A 166 11.35 12.22 -7.28
C SER A 166 11.57 10.81 -6.71
N TRP A 167 11.13 9.80 -7.46
CA TRP A 167 11.36 8.40 -7.09
C TRP A 167 12.86 8.08 -7.07
N PRO A 168 13.33 7.33 -6.06
CA PRO A 168 14.76 7.04 -5.93
C PRO A 168 15.23 5.90 -6.83
N GLN A 169 15.21 6.13 -8.14
CA GLN A 169 15.71 5.11 -9.06
C GLN A 169 17.22 5.12 -8.99
N ASP A 170 17.82 3.95 -8.74
CA ASP A 170 19.27 3.80 -8.60
C ASP A 170 19.87 4.70 -7.52
N GLN A 171 19.08 4.99 -6.47
CA GLN A 171 19.53 5.74 -5.31
C GLN A 171 19.03 5.01 -4.08
N PRO A 172 19.77 5.07 -2.96
CA PRO A 172 19.25 4.34 -1.79
C PRO A 172 17.96 4.96 -1.29
N TRP A 173 16.94 4.14 -1.07
CA TRP A 173 15.62 4.68 -0.75
C TRP A 173 15.61 5.37 0.60
N THR A 174 16.57 5.02 1.43
CA THR A 174 16.69 5.58 2.76
C THR A 174 17.08 7.05 2.74
N LYS A 175 17.52 7.57 1.59
CA LYS A 175 17.79 9.00 1.50
C LYS A 175 16.54 9.81 1.27
N ARG A 176 15.43 9.17 0.87
CA ARG A 176 14.20 9.91 0.67
C ARG A 176 13.61 10.34 2.00
N LEU A 177 13.03 11.55 2.01
CA LEU A 177 12.54 12.13 3.25
C LEU A 177 11.34 11.39 3.81
N VAL A 178 10.34 11.11 2.97
CA VAL A 178 9.10 10.51 3.41
C VAL A 178 8.71 9.39 2.45
N MET A 179 8.88 8.15 2.90
CA MET A 179 8.44 6.96 2.15
C MET A 179 7.36 6.30 2.95
N VAL A 180 6.26 5.94 2.30
CA VAL A 180 5.16 5.29 3.00
C VAL A 180 4.79 3.98 2.32
N LYS A 181 4.76 2.91 3.11
CA LYS A 181 4.33 1.60 2.61
C LYS A 181 2.89 1.37 3.04
N VAL A 182 2.06 0.93 2.10
CA VAL A 182 0.71 0.50 2.45
C VAL A 182 0.51 -0.93 1.99
N VAL A 183 0.21 -1.81 2.94
CA VAL A 183 -0.04 -3.21 2.64
C VAL A 183 -1.49 -3.54 2.96
N PRO A 184 -2.25 -3.96 1.94
CA PRO A 184 -3.56 -4.57 2.20
C PRO A 184 -3.29 -5.92 2.82
N THR A 185 -3.61 -6.08 4.09
CA THR A 185 -3.13 -7.26 4.81
C THR A 185 -3.79 -8.56 4.34
N CYS A 186 -4.93 -8.49 3.66
CA CYS A 186 -5.50 -9.67 3.04
C CYS A 186 -4.54 -10.29 2.03
N LEU A 187 -3.83 -9.43 1.30
CA LEU A 187 -2.96 -9.90 0.22
C LEU A 187 -1.71 -10.54 0.81
N ARG A 188 -1.16 -9.91 1.83
CA ARG A 188 -0.07 -10.51 2.60
C ARG A 188 -0.45 -11.92 3.08
N ALA A 189 -1.66 -12.03 3.62
CA ALA A 189 -2.18 -13.31 4.09
C ALA A 189 -2.34 -14.34 2.98
N LEU A 190 -2.85 -13.91 1.82
CA LEU A 190 -3.06 -14.84 0.72
C LEU A 190 -1.72 -15.40 0.23
N VAL A 191 -0.69 -14.56 0.21
CA VAL A 191 0.62 -15.04 -0.25
C VAL A 191 1.21 -15.99 0.77
N GLU A 192 1.10 -15.66 2.05
CA GLU A 192 1.63 -16.55 3.09
C GLU A 192 0.92 -17.90 3.08
N MET A 193 -0.38 -17.89 2.83
CA MET A 193 -1.17 -19.12 2.75
C MET A 193 -0.64 -20.01 1.62
N ALA A 194 -0.25 -19.38 0.51
CA ALA A 194 0.32 -20.12 -0.61
C ALA A 194 1.66 -20.73 -0.24
N ARG A 195 2.47 -19.99 0.53
CA ARG A 195 3.77 -20.49 0.95
C ARG A 195 3.68 -21.73 1.84
N VAL A 196 2.80 -21.69 2.83
CA VAL A 196 2.70 -22.80 3.78
C VAL A 196 1.98 -24.00 3.18
N GLY A 197 1.12 -23.75 2.20
CA GLY A 197 0.34 -24.81 1.58
C GLY A 197 1.18 -25.69 0.68
N GLY A 198 2.16 -25.07 0.01
CA GLY A 198 3.09 -25.79 -0.83
C GLY A 198 3.87 -26.77 0.01
N ALA A 199 4.12 -26.40 1.26
CA ALA A 199 4.72 -27.31 2.22
C ALA A 199 3.71 -28.39 2.59
N SER A 200 3.95 -29.60 2.10
CA SER A 200 3.01 -30.72 2.22
C SER A 200 1.65 -30.34 1.65
N SER A 201 0.58 -30.91 2.20
CA SER A 201 -0.75 -30.67 1.68
C SER A 201 -1.86 -30.96 2.68
N LEU A 202 -1.61 -30.67 3.96
CA LEU A 202 -2.65 -30.78 4.97
C LEU A 202 -3.41 -29.45 5.05
N GLU A 203 -4.06 -29.19 6.18
CA GLU A 203 -4.82 -27.95 6.32
C GLU A 203 -3.99 -26.83 6.93
N ASN A 204 -4.23 -25.62 6.46
CA ASN A 204 -3.62 -24.42 7.03
C ASN A 204 -4.68 -23.35 7.18
N THR A 205 -4.45 -22.44 8.13
CA THR A 205 -5.40 -21.39 8.41
C THR A 205 -4.99 -20.07 7.76
N VAL A 206 -5.94 -19.43 7.07
CA VAL A 206 -5.69 -18.11 6.53
C VAL A 206 -6.73 -17.14 7.10
N ASP A 207 -6.24 -15.99 7.55
CA ASP A 207 -7.08 -14.90 8.06
C ASP A 207 -7.05 -13.78 7.04
N LEU A 208 -8.20 -13.45 6.45
CA LEU A 208 -8.24 -12.47 5.38
C LEU A 208 -8.11 -11.02 5.86
N HIS A 209 -8.33 -10.76 7.14
CA HIS A 209 -8.23 -9.40 7.68
C HIS A 209 -9.13 -8.43 6.92
N ILE A 210 -10.37 -8.84 6.69
CA ILE A 210 -11.37 -7.96 6.08
C ILE A 210 -12.61 -7.97 6.96
N SER A 211 -13.50 -7.01 6.77
CA SER A 211 -14.65 -6.86 7.65
C SER A 211 -15.52 -8.12 7.63
N ASN A 212 -15.95 -8.55 8.81
CA ASN A 212 -16.77 -9.75 8.97
C ASN A 212 -16.13 -11.03 8.45
N SER A 213 -14.80 -11.10 8.48
CA SER A 213 -14.10 -12.30 8.05
C SER A 213 -13.85 -13.23 9.23
N HIS A 214 -13.75 -14.52 8.93
CA HIS A 214 -13.36 -15.51 9.92
C HIS A 214 -12.22 -16.33 9.36
N PRO A 215 -11.26 -16.71 10.22
CA PRO A 215 -10.12 -17.53 9.80
C PRO A 215 -10.57 -18.82 9.11
N LEU A 216 -9.98 -19.11 7.95
CA LEU A 216 -10.38 -20.26 7.15
C LEU A 216 -9.33 -21.36 7.21
N SER A 217 -9.75 -22.56 7.60
CA SER A 217 -8.85 -23.71 7.63
C SER A 217 -9.03 -24.52 6.35
N LEU A 218 -8.02 -24.45 5.48
CA LEU A 218 -8.14 -25.02 4.14
C LEU A 218 -6.99 -25.94 3.78
N THR A 219 -7.29 -26.98 3.02
CA THR A 219 -6.24 -27.77 2.41
C THR A 219 -5.68 -26.98 1.24
N SER A 220 -4.53 -27.43 0.73
CA SER A 220 -3.89 -26.79 -0.40
C SER A 220 -4.79 -26.86 -1.64
N ASP A 221 -5.39 -28.02 -1.87
CA ASP A 221 -6.29 -28.18 -3.01
C ASP A 221 -7.53 -27.31 -2.88
N GLN A 222 -8.05 -27.19 -1.67
CA GLN A 222 -9.21 -26.35 -1.42
C GLN A 222 -8.89 -24.88 -1.70
N TYR A 223 -7.73 -24.44 -1.20
CA TYR A 223 -7.28 -23.07 -1.39
C TYR A 223 -7.10 -22.75 -2.87
N LYS A 224 -6.38 -23.62 -3.58
CA LYS A 224 -6.11 -23.41 -4.99
C LYS A 224 -7.40 -23.39 -5.78
N ALA A 225 -8.37 -24.21 -5.37
CA ALA A 225 -9.66 -24.28 -6.04
C ALA A 225 -10.44 -22.98 -5.88
N TYR A 226 -10.42 -22.41 -4.68
CA TYR A 226 -11.11 -21.15 -4.42
C TYR A 226 -10.48 -19.99 -5.17
N LEU A 227 -9.16 -20.02 -5.32
CA LEU A 227 -8.48 -18.95 -6.06
C LEU A 227 -8.91 -18.95 -7.52
N GLN A 228 -9.03 -20.15 -8.09
CA GLN A 228 -9.44 -20.27 -9.48
C GLN A 228 -10.87 -19.78 -9.67
N ASP A 229 -11.77 -20.23 -8.80
CA ASP A 229 -13.16 -19.79 -8.86
C ASP A 229 -13.28 -18.29 -8.66
N LEU A 230 -12.43 -17.73 -7.79
CA LEU A 230 -12.42 -16.29 -7.57
C LEU A 230 -12.04 -15.57 -8.84
N VAL A 231 -11.00 -16.06 -9.50
CA VAL A 231 -10.46 -15.38 -10.67
C VAL A 231 -11.44 -15.44 -11.84
N GLU A 232 -12.27 -16.48 -11.87
CA GLU A 232 -13.25 -16.65 -12.95
C GLU A 232 -14.34 -15.58 -12.91
N GLY A 233 -14.55 -14.99 -11.75
CA GLY A 233 -15.58 -13.98 -11.59
C GLY A 233 -15.08 -12.55 -11.59
N MET A 234 -13.79 -12.37 -11.84
CA MET A 234 -13.20 -11.04 -11.85
C MET A 234 -13.06 -10.49 -13.27
N ASP A 235 -12.77 -9.20 -13.38
CA ASP A 235 -12.71 -8.52 -14.68
C ASP A 235 -11.31 -8.46 -15.25
N PHE A 236 -11.17 -8.75 -16.54
CA PHE A 236 -9.87 -8.69 -17.21
C PHE A 236 -9.97 -8.04 -18.58
N GLN A 237 -8.86 -7.43 -19.01
CA GLN A 237 -8.80 -6.79 -20.31
C GLN A 237 -8.30 -7.75 -21.38
N SER B 1 23.09 15.84 0.96
CA SER B 1 23.36 17.26 1.25
C SER B 1 22.09 18.10 1.08
N PRO B 2 22.09 19.32 1.64
CA PRO B 2 20.97 20.21 1.37
C PRO B 2 20.75 20.47 -0.13
N ALA B 3 21.82 20.61 -0.90
CA ALA B 3 21.69 20.79 -2.34
C ALA B 3 20.98 19.60 -3.00
N LEU B 5 18.86 17.42 -1.52
CA LEU B 5 17.47 17.43 -1.09
C LEU B 5 16.69 18.50 -1.87
N ALA B 6 17.29 19.66 -2.03
CA ALA B 6 16.62 20.76 -2.74
C ALA B 6 16.37 20.36 -4.19
N ASN B 8 16.01 17.25 -5.42
CA ASN B 8 15.06 16.14 -5.53
C ASN B 8 13.64 16.50 -5.10
N LEU B 9 13.51 17.58 -4.34
CA LEU B 9 12.21 18.02 -3.85
C LEU B 9 11.27 18.33 -5.01
N GLU B 10 10.03 17.87 -4.91
CA GLU B 10 9.00 18.17 -5.91
C GLU B 10 7.72 18.57 -5.22
N ILE B 11 7.65 19.86 -4.89
CA ILE B 11 6.48 20.46 -4.27
C ILE B 11 6.07 21.64 -5.11
N GLN B 13 3.76 25.04 -6.29
CA GLN B 13 3.41 26.26 -5.58
C GLN B 13 1.90 26.51 -5.55
N SER B 14 1.45 27.24 -4.53
CA SER B 14 0.05 27.61 -4.39
C SER B 14 -0.44 28.41 -5.59
#